data_5MGN
#
_entry.id   5MGN
#
_cell.length_a   91.868
_cell.length_b   91.868
_cell.length_c   145.353
_cell.angle_alpha   90.00
_cell.angle_beta   90.00
_cell.angle_gamma   120.00
#
_symmetry.space_group_name_H-M   'P 63'
#
loop_
_entity.id
_entity.type
_entity.pdbx_description
1 polymer 'NAD-dependent protein deacetylase sirtuin-6'
2 non-polymer '[(2R,3S,4R,5R)-5-(6-AMINOPURIN-9-YL)-3,4-DIHYDROXY-OXOLAN-2-YL]METHYL [HYDROXY-[[(2R,3S,4R,5S)-3,4,5-TRIHYDROXYOXOLAN-2-YL]METHOXY]PHOSPHORYL] HYDROGEN PHOSPHATE'
3 non-polymer 'ZINC ION'
4 non-polymer 'SULFATE ION'
5 non-polymer 1,2-ETHANEDIOL
6 non-polymer (4~{R})-4-pyridin-3-yl-5-[3-(trifluoromethyl)phenyl]sulfonyl-4~{H}-pyrrolo[1,2-a]quinoxaline
7 water water
#
_entity_poly.entity_id   1
_entity_poly.type   'polypeptide(L)'
_entity_poly.pdbx_seq_one_letter_code
;GIDPFTADKGKCGLPEIFDPPEELERKVWELARLVWQSSSVVFHTGAGISTASGIPDFRGPHGVWTMEERGLAPKFDTTF
ESARPTQTHMALVQLERVGLLRFLVSQNVDGLHVRSGFPRDKLAELHGNMFVEECAKCKTQYVRDTVVGTMGLKATGRLC
TVAKARGLRACRGELRDTILDWEDSLPDRDLALADEASRNADLSITLGTSLQIRPSGNLPLATKRRGGRLVIVNLQPTKH
DRHADLRIHGYVDEVMTRLMKHLGLEIPAWDGPRVLERALPPLPRPPTPKLEPKEESPTRIN
;
_entity_poly.pdbx_strand_id   A,B
#
loop_
_chem_comp.id
_chem_comp.type
_chem_comp.name
_chem_comp.formula
7N2 non-polymer (4~{R})-4-pyridin-3-yl-5-[3-(trifluoromethyl)phenyl]sulfonyl-4~{H}-pyrrolo[1,2-a]quinoxaline 'C23 H16 F3 N3 O2 S'
AR6 non-polymer '[(2R,3S,4R,5R)-5-(6-AMINOPURIN-9-YL)-3,4-DIHYDROXY-OXOLAN-2-YL]METHYL [HYDROXY-[[(2R,3S,4R,5S)-3,4,5-TRIHYDROXYOXOLAN-2-YL]METHOXY]PHOSPHORYL] HYDROGEN PHOSPHATE' 'C15 H23 N5 O14 P2'
EDO non-polymer 1,2-ETHANEDIOL 'C2 H6 O2'
SO4 non-polymer 'SULFATE ION' 'O4 S -2'
ZN non-polymer 'ZINC ION' 'Zn 2'
#
# COMPACT_ATOMS: atom_id res chain seq x y z
N PRO A 4 2.48 30.29 5.79
CA PRO A 4 2.57 28.94 6.38
C PRO A 4 1.75 28.77 7.65
N PHE A 5 1.77 29.82 8.46
CA PHE A 5 1.05 29.88 9.70
C PHE A 5 -0.36 30.44 9.46
N THR A 6 -0.40 31.51 8.64
CA THR A 6 -1.65 32.17 8.21
C THR A 6 -2.43 31.36 7.12
N ALA A 7 -1.71 30.68 6.22
CA ALA A 7 -2.30 29.86 5.12
C ALA A 7 -3.61 29.16 5.47
N ASP A 8 -4.67 29.46 4.71
CA ASP A 8 -5.92 28.74 4.73
C ASP A 8 -5.72 27.30 4.22
N LYS A 9 -5.96 26.34 5.10
CA LYS A 9 -5.83 24.92 4.74
C LYS A 9 -7.21 24.30 4.38
N GLY A 10 -8.24 25.12 4.15
CA GLY A 10 -9.56 24.65 3.73
C GLY A 10 -10.33 23.96 4.85
N LYS A 11 -11.32 23.18 4.43
CA LYS A 11 -12.14 22.36 5.30
C LYS A 11 -11.49 21.02 5.50
N CYS A 12 -11.17 20.64 6.73
CA CYS A 12 -10.35 19.45 7.04
C CYS A 12 -11.23 18.60 7.84
N GLY A 13 -11.13 17.30 7.71
CA GLY A 13 -11.81 16.35 8.64
C GLY A 13 -13.29 16.16 8.53
N LEU A 14 -13.90 16.53 7.40
CA LEU A 14 -15.29 16.24 7.16
C LEU A 14 -15.55 14.74 7.15
N PRO A 15 -16.81 14.29 7.45
CA PRO A 15 -17.11 12.87 7.48
C PRO A 15 -16.99 12.14 6.12
N GLU A 16 -16.59 10.91 6.18
CA GLU A 16 -16.48 10.06 4.97
C GLU A 16 -17.84 9.48 4.65
N ILE A 17 -18.16 9.29 3.37
CA ILE A 17 -19.43 8.71 2.88
C ILE A 17 -19.09 7.30 2.28
N PHE A 18 -19.87 6.24 2.56
CA PHE A 18 -19.68 4.87 1.95
C PHE A 18 -20.88 4.54 1.10
N ASP A 19 -20.77 4.55 -0.24
CA ASP A 19 -21.94 3.99 -1.01
C ASP A 19 -22.16 2.54 -0.58
N PRO A 20 -23.40 2.08 -0.38
CA PRO A 20 -23.55 0.67 -0.08
C PRO A 20 -23.29 -0.15 -1.40
N PRO A 21 -22.98 -1.40 -1.26
CA PRO A 21 -22.48 -2.21 -2.34
C PRO A 21 -23.30 -2.33 -3.60
N GLU A 22 -24.63 -2.34 -3.58
CA GLU A 22 -25.34 -2.41 -4.81
C GLU A 22 -25.21 -1.12 -5.56
N GLU A 23 -25.22 -0.01 -4.85
CA GLU A 23 -25.09 1.29 -5.47
C GLU A 23 -23.65 1.56 -5.97
N LEU A 24 -22.66 1.12 -5.23
CA LEU A 24 -21.28 1.13 -5.67
C LEU A 24 -21.08 0.34 -7.04
N GLU A 25 -21.61 -0.88 -7.12
CA GLU A 25 -21.64 -1.62 -8.40
C GLU A 25 -22.34 -0.91 -9.56
N ARG A 26 -23.51 -0.40 -9.34
CA ARG A 26 -24.21 0.27 -10.45
C ARG A 26 -23.45 1.53 -10.85
N LYS A 27 -22.89 2.28 -9.88
CA LYS A 27 -22.12 3.46 -10.28
C LYS A 27 -20.79 3.16 -11.00
N VAL A 28 -20.17 2.03 -10.64
CA VAL A 28 -18.91 1.63 -11.30
C VAL A 28 -19.16 1.16 -12.76
N TRP A 29 -20.17 0.35 -12.96
CA TRP A 29 -20.69 0.10 -14.35
C TRP A 29 -20.92 1.35 -15.15
N GLU A 30 -21.60 2.34 -14.59
CA GLU A 30 -21.81 3.62 -15.32
C GLU A 30 -20.56 4.40 -15.66
N LEU A 31 -19.57 4.38 -14.78
CA LEU A 31 -18.27 4.95 -15.06
C LEU A 31 -17.66 4.25 -16.30
N ALA A 32 -17.73 2.91 -16.33
CA ALA A 32 -17.34 2.14 -17.50
C ALA A 32 -17.99 2.64 -18.73
N ARG A 33 -19.32 2.71 -18.68
CA ARG A 33 -20.16 3.24 -19.75
C ARG A 33 -19.67 4.57 -20.26
N LEU A 34 -19.38 5.54 -19.37
CA LEU A 34 -18.78 6.81 -19.77
C LEU A 34 -17.36 6.71 -20.38
N VAL A 35 -16.53 5.80 -19.88
CA VAL A 35 -15.15 5.65 -20.44
C VAL A 35 -15.31 5.15 -21.90
N TRP A 36 -16.24 4.24 -22.14
CA TRP A 36 -16.40 3.62 -23.47
C TRP A 36 -16.88 4.64 -24.50
N GLN A 37 -17.70 5.61 -24.09
CA GLN A 37 -18.25 6.67 -24.98
C GLN A 37 -17.44 7.90 -25.12
N SER A 38 -16.36 8.01 -24.38
CA SER A 38 -15.60 9.20 -24.47
C SER A 38 -14.48 9.16 -25.52
N SER A 39 -14.35 10.23 -26.26
CA SER A 39 -13.19 10.41 -27.12
C SER A 39 -11.96 10.84 -26.38
N SER A 40 -12.12 11.46 -25.23
CA SER A 40 -10.96 12.10 -24.62
C SER A 40 -11.12 12.16 -23.10
N VAL A 41 -10.44 11.22 -22.39
CA VAL A 41 -10.45 11.19 -20.92
C VAL A 41 -9.20 11.73 -20.19
N VAL A 42 -9.41 12.57 -19.16
CA VAL A 42 -8.41 13.22 -18.38
C VAL A 42 -8.70 12.88 -16.93
N PHE A 43 -7.69 12.34 -16.25
CA PHE A 43 -7.80 11.94 -14.90
C PHE A 43 -7.06 12.97 -14.10
N HIS A 44 -7.70 13.36 -12.97
CA HIS A 44 -7.13 14.32 -12.04
C HIS A 44 -6.95 13.58 -10.66
N THR A 45 -5.73 13.56 -10.15
CA THR A 45 -5.44 12.94 -8.89
C THR A 45 -4.88 13.82 -7.76
N GLY A 46 -5.17 13.34 -6.54
CA GLY A 46 -4.75 13.98 -5.29
C GLY A 46 -4.34 12.92 -4.30
N ALA A 47 -4.05 13.40 -3.08
CA ALA A 47 -3.41 12.61 -2.02
C ALA A 47 -4.08 11.35 -1.62
N GLY A 48 -5.38 11.21 -1.89
CA GLY A 48 -6.11 10.04 -1.54
C GLY A 48 -5.83 8.79 -2.36
N ILE A 49 -5.17 8.91 -3.52
CA ILE A 49 -4.66 7.72 -4.19
C ILE A 49 -3.39 7.08 -3.68
N SER A 50 -2.75 7.63 -2.65
CA SER A 50 -1.52 7.16 -2.10
C SER A 50 -1.66 6.74 -0.63
N THR A 51 -2.80 7.02 -0.04
CA THR A 51 -3.09 6.57 1.32
C THR A 51 -2.93 5.03 1.50
N ALA A 52 -3.36 4.22 0.55
CA ALA A 52 -3.22 2.75 0.64
C ALA A 52 -1.80 2.24 0.44
N SER A 53 -0.85 3.09 0.11
CA SER A 53 0.61 2.73 0.22
C SER A 53 1.31 3.41 1.46
N GLY A 54 0.54 3.84 2.47
CA GLY A 54 1.15 4.33 3.73
C GLY A 54 1.35 5.85 3.85
N ILE A 55 1.06 6.63 2.77
CA ILE A 55 1.20 8.09 2.78
C ILE A 55 -0.13 8.73 3.23
N PRO A 56 -0.14 9.44 4.35
CA PRO A 56 -1.36 10.05 4.74
C PRO A 56 -1.75 11.26 3.75
N ASP A 57 -3.04 11.59 3.70
CA ASP A 57 -3.50 12.74 2.88
C ASP A 57 -3.39 14.03 3.71
N PHE A 58 -3.93 15.13 3.18
CA PHE A 58 -3.99 16.36 3.93
C PHE A 58 -5.27 16.59 4.85
N ARG A 59 -6.47 16.29 4.33
CA ARG A 59 -7.72 16.74 4.90
C ARG A 59 -8.64 15.61 5.18
N GLY A 60 -8.16 14.37 5.12
CA GLY A 60 -8.95 13.17 5.58
C GLY A 60 -8.97 13.11 7.10
N PRO A 61 -9.66 12.07 7.67
CA PRO A 61 -9.81 12.06 9.13
C PRO A 61 -8.46 12.05 9.84
N HIS A 62 -7.44 11.53 9.17
CA HIS A 62 -6.11 11.50 9.77
C HIS A 62 -5.13 12.15 8.84
N GLY A 63 -5.56 13.10 8.03
CA GLY A 63 -4.57 13.84 7.23
C GLY A 63 -3.72 14.88 8.01
N VAL A 64 -2.64 15.30 7.36
CA VAL A 64 -1.61 16.13 7.93
C VAL A 64 -2.30 17.43 8.50
N TRP A 65 -3.14 18.13 7.71
CA TRP A 65 -3.78 19.37 8.24
C TRP A 65 -4.85 19.04 9.31
N THR A 66 -5.81 18.16 8.99
CA THR A 66 -6.70 17.66 10.08
C THR A 66 -5.96 17.38 11.43
N MET A 67 -4.94 16.53 11.45
CA MET A 67 -4.35 16.11 12.73
C MET A 67 -3.71 17.38 13.41
N GLU A 68 -3.08 18.24 12.62
CA GLU A 68 -2.51 19.45 13.13
C GLU A 68 -3.54 20.33 13.88
N GLU A 69 -4.75 20.44 13.36
CA GLU A 69 -5.84 21.20 13.98
C GLU A 69 -6.24 20.68 15.33
N ARG A 70 -6.11 19.37 15.52
CA ARG A 70 -6.35 18.67 16.80
C ARG A 70 -5.13 18.56 17.65
N GLY A 71 -4.01 19.16 17.26
CA GLY A 71 -2.76 18.99 18.00
C GLY A 71 -2.08 17.62 17.92
N LEU A 72 -2.37 16.85 16.86
CA LEU A 72 -1.86 15.47 16.69
C LEU A 72 -0.95 15.47 15.51
N ALA A 73 -0.13 14.42 15.35
CA ALA A 73 0.84 14.33 14.20
C ALA A 73 0.23 13.38 13.20
N PRO A 74 0.61 13.48 11.89
CA PRO A 74 0.18 12.46 10.92
C PRO A 74 1.08 11.27 11.00
N LYS A 75 0.69 10.12 10.43
CA LYS A 75 1.52 8.93 10.55
C LYS A 75 1.78 8.37 9.14
N PHE A 76 3.05 8.15 8.84
CA PHE A 76 3.52 7.49 7.59
C PHE A 76 3.86 6.09 7.97
N ASP A 77 3.51 5.14 7.11
CA ASP A 77 3.80 3.71 7.26
C ASP A 77 4.88 3.33 6.23
N THR A 78 5.48 4.36 5.60
CA THR A 78 6.57 4.17 4.70
C THR A 78 7.37 5.44 4.57
N THR A 79 8.58 5.35 4.00
CA THR A 79 9.31 6.50 3.48
C THR A 79 8.81 6.81 2.07
N PHE A 80 9.08 7.99 1.60
CA PHE A 80 8.77 8.23 0.21
C PHE A 80 9.57 7.31 -0.75
N GLU A 81 10.82 7.02 -0.42
CA GLU A 81 11.66 6.13 -1.24
C GLU A 81 11.17 4.73 -1.21
N SER A 82 10.62 4.28 -0.10
CA SER A 82 10.23 2.85 -0.16
C SER A 82 8.76 2.62 -0.63
N ALA A 83 8.00 3.69 -0.83
CA ALA A 83 6.58 3.62 -1.15
C ALA A 83 6.42 2.91 -2.50
N ARG A 84 5.49 1.98 -2.57
CA ARG A 84 5.06 1.37 -3.80
C ARG A 84 3.81 1.98 -4.34
N PRO A 85 3.73 2.00 -5.67
CA PRO A 85 2.48 2.58 -6.21
C PRO A 85 1.28 1.63 -5.92
N THR A 86 0.09 2.20 -5.61
CA THR A 86 -1.10 1.49 -5.47
C THR A 86 -1.61 0.85 -6.78
N GLN A 87 -2.66 0.04 -6.58
CA GLN A 87 -3.43 -0.51 -7.70
C GLN A 87 -3.98 0.59 -8.60
N THR A 88 -4.43 1.64 -7.99
CA THR A 88 -4.87 2.83 -8.73
C THR A 88 -3.77 3.37 -9.64
N HIS A 89 -2.56 3.59 -9.09
CA HIS A 89 -1.47 4.07 -9.90
C HIS A 89 -1.21 3.19 -11.10
N MET A 90 -1.11 1.91 -10.81
CA MET A 90 -0.87 0.95 -11.87
C MET A 90 -2.09 0.93 -12.84
N ALA A 91 -3.34 1.07 -12.39
CA ALA A 91 -4.45 1.06 -13.37
C ALA A 91 -4.28 2.22 -14.41
N LEU A 92 -3.79 3.34 -13.91
CA LEU A 92 -3.68 4.56 -14.75
C LEU A 92 -2.55 4.32 -15.78
N VAL A 93 -1.52 3.55 -15.38
CA VAL A 93 -0.42 3.20 -16.27
C VAL A 93 -0.98 2.48 -17.48
N GLN A 94 -1.84 1.53 -17.22
CA GLN A 94 -2.42 0.66 -18.24
C GLN A 94 -3.46 1.36 -19.06
N LEU A 95 -4.26 2.23 -18.46
CA LEU A 95 -5.29 2.90 -19.23
C LEU A 95 -4.59 3.79 -20.31
N GLU A 96 -3.52 4.38 -19.95
CA GLU A 96 -2.75 5.22 -20.93
C GLU A 96 -2.06 4.33 -21.99
N ARG A 97 -1.50 3.21 -21.61
CA ARG A 97 -0.93 2.29 -22.60
C ARG A 97 -2.02 1.81 -23.60
N VAL A 98 -3.31 1.75 -23.25
CA VAL A 98 -4.32 1.27 -24.25
C VAL A 98 -5.11 2.37 -24.96
N GLY A 99 -4.71 3.63 -24.77
CA GLY A 99 -5.34 4.72 -25.35
C GLY A 99 -6.67 5.17 -24.74
N LEU A 100 -7.00 4.77 -23.53
CA LEU A 100 -8.19 5.27 -22.91
C LEU A 100 -8.00 6.41 -21.94
N LEU A 101 -6.76 6.85 -21.66
CA LEU A 101 -6.48 8.03 -20.84
C LEU A 101 -5.77 8.92 -21.76
N ARG A 102 -6.17 10.18 -21.84
CA ARG A 102 -5.48 11.12 -22.69
C ARG A 102 -4.40 11.96 -21.98
N PHE A 103 -4.66 12.36 -20.71
CA PHE A 103 -3.77 13.17 -20.00
C PHE A 103 -4.05 13.00 -18.48
N LEU A 104 -3.00 13.19 -17.71
CA LEU A 104 -3.02 12.94 -16.26
C LEU A 104 -2.60 14.14 -15.47
N VAL A 105 -3.50 14.63 -14.59
CA VAL A 105 -3.23 15.88 -13.84
C VAL A 105 -3.21 15.57 -12.40
N SER A 106 -2.09 15.85 -11.73
CA SER A 106 -1.99 15.51 -10.33
C SER A 106 -1.38 16.66 -9.46
N GLN A 107 -1.89 16.75 -8.24
CA GLN A 107 -1.48 17.64 -7.24
C GLN A 107 -0.41 17.08 -6.33
N ASN A 108 -0.11 15.79 -6.47
CA ASN A 108 0.72 15.09 -5.49
C ASN A 108 2.14 15.38 -5.79
N VAL A 109 2.93 15.55 -4.73
CA VAL A 109 4.35 15.70 -4.82
C VAL A 109 5.15 14.36 -4.50
N ASP A 110 4.43 13.29 -4.27
CA ASP A 110 4.98 12.02 -3.73
C ASP A 110 5.82 11.22 -4.77
N GLY A 111 5.81 11.67 -6.02
CA GLY A 111 6.65 11.04 -7.03
C GLY A 111 6.23 9.66 -7.53
N LEU A 112 5.04 9.17 -7.15
CA LEU A 112 4.59 7.82 -7.51
C LEU A 112 4.15 7.66 -8.95
N HIS A 113 3.55 8.68 -9.57
CA HIS A 113 3.12 8.53 -10.94
C HIS A 113 4.37 8.33 -11.80
N VAL A 114 5.40 9.17 -11.65
CA VAL A 114 6.67 8.98 -12.44
C VAL A 114 7.27 7.63 -12.13
N ARG A 115 7.49 7.34 -10.85
CA ARG A 115 8.04 6.01 -10.50
C ARG A 115 7.32 4.76 -10.88
N SER A 116 6.00 4.80 -10.94
CA SER A 116 5.15 3.74 -11.57
C SER A 116 5.40 3.47 -13.05
N GLY A 117 6.12 4.34 -13.72
CA GLY A 117 6.48 4.20 -15.13
C GLY A 117 5.54 5.01 -16.01
N PHE A 118 4.77 5.95 -15.44
CA PHE A 118 3.74 6.61 -16.25
C PHE A 118 4.51 7.66 -17.11
N PRO A 119 4.20 7.84 -18.42
CA PRO A 119 4.98 8.76 -19.27
C PRO A 119 4.95 10.25 -18.92
N ARG A 120 6.12 10.84 -18.68
CA ARG A 120 6.14 12.25 -18.19
C ARG A 120 5.49 13.23 -19.24
N ASP A 121 5.53 12.86 -20.52
CA ASP A 121 4.86 13.75 -21.52
C ASP A 121 3.33 13.61 -21.56
N LYS A 122 2.67 12.71 -20.78
CA LYS A 122 1.20 12.84 -20.59
C LYS A 122 0.74 13.23 -19.14
N LEU A 123 1.73 13.69 -18.34
CA LEU A 123 1.56 13.97 -16.94
C LEU A 123 1.80 15.46 -16.60
N ALA A 124 0.93 16.09 -15.80
CA ALA A 124 1.24 17.43 -15.23
C ALA A 124 1.36 17.36 -13.73
N GLU A 125 2.53 17.80 -13.20
CA GLU A 125 2.79 17.77 -11.77
C GLU A 125 2.68 19.16 -11.20
N LEU A 126 1.44 19.52 -10.93
CA LEU A 126 1.03 20.90 -10.62
C LEU A 126 1.80 21.51 -9.39
N HIS A 127 2.18 20.67 -8.40
CA HIS A 127 2.66 21.18 -7.17
C HIS A 127 4.10 20.75 -6.99
N GLY A 128 4.65 20.08 -8.03
CA GLY A 128 6.03 19.67 -8.11
C GLY A 128 6.18 18.20 -7.77
N ASN A 129 7.43 17.81 -7.54
CA ASN A 129 7.75 16.38 -7.37
C ASN A 129 8.93 16.25 -6.50
N MET A 130 8.84 15.51 -5.40
CA MET A 130 9.93 15.56 -4.41
C MET A 130 11.21 14.94 -4.89
N PHE A 131 11.14 14.12 -5.96
CA PHE A 131 12.34 13.51 -6.48
C PHE A 131 12.93 14.36 -7.59
N VAL A 132 12.31 15.48 -7.95
CA VAL A 132 12.75 16.16 -9.19
C VAL A 132 13.36 17.51 -8.75
N GLU A 133 14.59 17.75 -9.19
CA GLU A 133 15.22 19.06 -9.10
C GLU A 133 15.41 19.62 -10.49
N GLU A 134 15.49 20.95 -10.58
CA GLU A 134 15.45 21.69 -11.89
C GLU A 134 16.62 22.72 -12.01
N CYS A 135 17.27 22.83 -13.18
CA CYS A 135 18.37 23.81 -13.39
C CYS A 135 17.74 25.18 -13.57
N ALA A 136 17.98 26.06 -12.60
CA ALA A 136 17.54 27.46 -12.69
C ALA A 136 18.04 28.21 -13.95
N LYS A 137 19.21 27.83 -14.49
CA LYS A 137 19.71 28.39 -15.75
C LYS A 137 19.09 27.79 -17.01
N CYS A 138 19.21 26.48 -17.23
CA CYS A 138 18.73 25.92 -18.50
C CYS A 138 17.39 25.20 -18.44
N LYS A 139 16.79 25.07 -17.24
CA LYS A 139 15.47 24.40 -17.02
C LYS A 139 15.48 22.90 -17.19
N THR A 140 16.66 22.26 -17.19
CA THR A 140 16.71 20.77 -17.33
C THR A 140 16.28 20.17 -15.99
N GLN A 141 15.48 19.12 -16.06
CA GLN A 141 15.07 18.39 -14.84
C GLN A 141 15.82 17.08 -14.61
N TYR A 142 16.09 16.73 -13.35
CA TYR A 142 16.81 15.47 -13.03
C TYR A 142 15.85 14.71 -12.12
N VAL A 143 15.53 13.49 -12.47
CA VAL A 143 14.63 12.67 -11.65
C VAL A 143 15.51 11.73 -10.84
N ARG A 144 15.63 12.04 -9.54
CA ARG A 144 16.53 11.35 -8.65
C ARG A 144 15.95 10.14 -8.00
N ASP A 145 16.79 9.19 -7.55
CA ASP A 145 16.32 7.99 -6.79
C ASP A 145 16.08 8.15 -5.33
N THR A 146 16.35 9.35 -4.82
CA THR A 146 16.05 9.73 -3.44
C THR A 146 15.41 11.11 -3.44
N VAL A 147 14.67 11.44 -2.36
CA VAL A 147 14.00 12.74 -2.30
C VAL A 147 15.04 13.82 -2.24
N VAL A 148 14.76 14.93 -2.86
CA VAL A 148 15.67 16.04 -2.95
C VAL A 148 15.42 16.87 -1.64
N GLY A 149 16.44 17.13 -0.87
CA GLY A 149 16.28 17.59 0.52
C GLY A 149 15.54 18.89 0.80
N THR A 150 15.17 19.68 -0.20
CA THR A 150 14.62 20.99 0.04
C THR A 150 13.20 21.20 -0.55
N MET A 151 12.48 22.22 -0.04
CA MET A 151 11.14 22.56 -0.50
C MET A 151 11.10 24.10 -0.64
N GLY A 152 10.22 24.54 -1.53
CA GLY A 152 9.99 25.97 -1.72
C GLY A 152 10.94 26.55 -2.74
N LEU A 153 11.32 25.72 -3.72
CA LEU A 153 12.11 26.12 -4.87
C LEU A 153 13.51 26.66 -4.53
N LYS A 154 14.17 26.04 -3.55
CA LYS A 154 15.51 26.46 -3.06
C LYS A 154 16.66 25.64 -3.67
N ALA A 155 17.87 26.08 -3.41
CA ALA A 155 19.06 25.52 -4.03
C ALA A 155 19.28 24.22 -3.38
N THR A 156 19.58 23.19 -4.15
CA THR A 156 19.80 21.94 -3.44
C THR A 156 21.24 21.81 -3.06
N GLY A 157 22.11 22.54 -3.75
CA GLY A 157 23.54 22.38 -3.57
C GLY A 157 24.20 21.48 -4.60
N ARG A 158 23.47 21.06 -5.66
CA ARG A 158 24.12 20.33 -6.78
C ARG A 158 24.05 21.24 -7.99
N LEU A 159 24.90 21.00 -8.98
CA LEU A 159 24.90 21.74 -10.26
C LEU A 159 24.64 20.88 -11.48
N CYS A 160 24.25 21.59 -12.50
CA CYS A 160 23.83 21.02 -13.74
C CYS A 160 25.01 20.34 -14.53
N THR A 161 24.75 19.18 -15.14
CA THR A 161 25.73 18.45 -15.89
C THR A 161 25.55 18.54 -17.40
N VAL A 162 24.61 19.34 -17.88
CA VAL A 162 24.30 19.32 -19.34
C VAL A 162 25.47 19.88 -20.19
N ALA A 163 25.74 19.17 -21.31
CA ALA A 163 26.66 19.60 -22.38
C ALA A 163 26.30 20.97 -22.91
N CYS A 171 27.48 23.43 -18.05
CA CYS A 171 26.39 24.38 -17.75
C CYS A 171 26.61 25.09 -16.41
N ARG A 172 26.77 24.28 -15.38
CA ARG A 172 27.02 24.73 -13.99
C ARG A 172 25.90 25.52 -13.28
N GLY A 173 24.68 25.50 -13.82
CA GLY A 173 23.53 26.27 -13.25
C GLY A 173 23.13 25.73 -11.88
N GLU A 174 22.45 26.55 -11.07
CA GLU A 174 22.07 26.13 -9.70
C GLU A 174 20.86 25.15 -9.80
N LEU A 175 21.00 23.90 -9.24
CA LEU A 175 19.82 23.00 -9.09
C LEU A 175 18.92 23.37 -7.91
N ARG A 176 17.60 23.40 -8.15
CA ARG A 176 16.55 23.70 -7.15
C ARG A 176 15.45 22.62 -7.04
N ASP A 177 14.86 22.33 -5.83
CA ASP A 177 13.69 21.44 -5.73
C ASP A 177 12.56 22.08 -6.56
N THR A 178 11.53 21.30 -6.86
CA THR A 178 10.39 21.80 -7.58
C THR A 178 9.15 21.90 -6.65
N ILE A 179 9.35 21.83 -5.35
CA ILE A 179 8.20 21.89 -4.42
C ILE A 179 7.73 23.33 -4.19
N LEU A 180 6.49 23.61 -4.59
CA LEU A 180 5.89 24.87 -4.40
C LEU A 180 5.60 25.08 -2.93
N ASP A 181 5.75 26.31 -2.55
CA ASP A 181 5.37 26.82 -1.21
C ASP A 181 4.00 27.49 -1.37
N TRP A 182 3.41 27.89 -0.25
CA TRP A 182 2.13 28.58 -0.30
C TRP A 182 2.19 29.77 -1.24
N GLU A 183 3.34 30.50 -1.32
CA GLU A 183 3.42 31.80 -2.12
C GLU A 183 3.42 31.56 -3.60
N ASP A 184 3.97 30.41 -4.01
CA ASP A 184 4.54 30.18 -5.38
C ASP A 184 3.45 29.90 -6.40
N SER A 185 3.69 30.31 -7.63
CA SER A 185 2.71 30.08 -8.66
C SER A 185 3.08 28.79 -9.33
N LEU A 186 2.05 28.15 -9.88
CA LEU A 186 2.20 26.87 -10.54
C LEU A 186 3.14 26.97 -11.75
N PRO A 187 3.79 25.84 -12.12
CA PRO A 187 4.54 25.82 -13.35
C PRO A 187 3.65 25.86 -14.60
N ASP A 188 4.05 26.76 -15.51
CA ASP A 188 3.22 27.12 -16.65
C ASP A 188 3.15 26.05 -17.70
N ARG A 189 4.26 25.42 -18.01
CA ARG A 189 4.14 24.29 -18.93
C ARG A 189 3.02 23.36 -18.41
N ASP A 190 3.16 22.94 -17.18
CA ASP A 190 2.31 21.95 -16.58
C ASP A 190 0.89 22.43 -16.54
N LEU A 191 0.72 23.69 -16.11
CA LEU A 191 -0.61 24.28 -15.98
C LEU A 191 -1.27 24.48 -17.33
N ALA A 192 -0.51 24.96 -18.30
CA ALA A 192 -1.13 25.17 -19.59
C ALA A 192 -1.46 23.81 -20.18
N LEU A 193 -0.56 22.84 -20.03
CA LEU A 193 -0.88 21.53 -20.65
C LEU A 193 -2.20 20.98 -20.01
N ALA A 194 -2.27 21.06 -18.68
CA ALA A 194 -3.39 20.48 -17.89
C ALA A 194 -4.67 21.21 -18.24
N ASP A 195 -4.52 22.52 -18.42
CA ASP A 195 -5.64 23.36 -18.81
C ASP A 195 -6.07 23.02 -20.21
N GLU A 196 -5.14 22.96 -21.16
CA GLU A 196 -5.58 22.54 -22.50
C GLU A 196 -6.30 21.16 -22.52
N ALA A 197 -5.74 20.17 -21.80
CA ALA A 197 -6.33 18.83 -21.76
C ALA A 197 -7.71 18.86 -21.17
N SER A 198 -7.93 19.65 -20.08
CA SER A 198 -9.24 19.67 -19.37
C SER A 198 -10.36 20.30 -20.22
N ARG A 199 -10.02 21.38 -20.97
CA ARG A 199 -10.91 22.04 -21.88
C ARG A 199 -11.42 21.19 -23.07
N ASN A 200 -10.55 20.36 -23.64
CA ASN A 200 -10.88 19.49 -24.74
C ASN A 200 -11.41 18.16 -24.34
N ALA A 201 -11.30 17.76 -23.06
CA ALA A 201 -11.76 16.46 -22.55
C ALA A 201 -13.30 16.37 -22.69
N ASP A 202 -13.83 15.19 -22.92
CA ASP A 202 -15.26 15.01 -22.81
C ASP A 202 -15.56 14.24 -21.54
N LEU A 203 -14.53 13.83 -20.80
CA LEU A 203 -14.75 13.18 -19.47
C LEU A 203 -13.57 13.46 -18.58
N SER A 204 -13.86 13.99 -17.41
CA SER A 204 -12.82 14.23 -16.40
C SER A 204 -13.25 13.44 -15.20
N ILE A 205 -12.36 12.63 -14.72
CA ILE A 205 -12.53 11.74 -13.59
C ILE A 205 -11.57 12.19 -12.50
N THR A 206 -12.06 12.51 -11.31
CA THR A 206 -11.23 12.99 -10.19
C THR A 206 -11.15 11.85 -9.17
N LEU A 207 -9.92 11.60 -8.68
CA LEU A 207 -9.64 10.42 -7.81
C LEU A 207 -8.98 10.93 -6.58
N GLY A 208 -9.54 10.68 -5.39
CA GLY A 208 -8.80 11.14 -4.16
C GLY A 208 -8.31 12.59 -4.10
N THR A 209 -9.12 13.52 -4.60
CA THR A 209 -8.98 14.93 -4.27
C THR A 209 -10.34 15.61 -3.80
N SER A 210 -10.19 16.51 -2.80
CA SER A 210 -11.21 17.24 -2.22
C SER A 210 -11.43 18.55 -3.03
N LEU A 211 -10.64 18.78 -4.08
CA LEU A 211 -10.86 19.89 -5.05
C LEU A 211 -10.89 21.34 -4.48
N GLN A 212 -10.24 21.54 -3.34
CA GLN A 212 -10.28 22.76 -2.65
C GLN A 212 -9.18 23.75 -3.06
N ILE A 213 -8.08 23.33 -3.70
CA ILE A 213 -7.02 24.21 -4.09
C ILE A 213 -7.26 24.81 -5.46
N ARG A 214 -7.03 26.10 -5.65
CA ARG A 214 -7.18 26.68 -6.96
C ARG A 214 -5.85 27.15 -7.48
N PRO A 215 -5.59 27.01 -8.76
CA PRO A 215 -6.55 26.57 -9.78
C PRO A 215 -6.61 25.09 -9.99
N SER A 216 -5.79 24.32 -9.29
CA SER A 216 -5.73 22.86 -9.48
C SER A 216 -7.05 22.23 -9.38
N GLY A 217 -7.80 22.52 -8.32
CA GLY A 217 -9.21 22.02 -8.12
C GLY A 217 -10.33 22.48 -9.04
N ASN A 218 -10.11 23.53 -9.76
CA ASN A 218 -11.06 23.99 -10.78
C ASN A 218 -10.95 23.34 -12.15
N LEU A 219 -9.78 22.76 -12.49
CA LEU A 219 -9.62 22.28 -13.83
C LEU A 219 -10.63 21.29 -14.30
N PRO A 220 -11.01 20.35 -13.43
CA PRO A 220 -12.03 19.44 -13.91
C PRO A 220 -13.35 20.17 -14.45
N LEU A 221 -13.67 21.32 -13.87
CA LEU A 221 -14.91 22.05 -14.23
C LEU A 221 -14.84 22.53 -15.62
N ALA A 222 -13.65 22.84 -16.12
CA ALA A 222 -13.43 23.17 -17.55
C ALA A 222 -14.04 22.20 -18.57
N THR A 223 -14.04 20.91 -18.19
CA THR A 223 -14.60 19.88 -19.01
C THR A 223 -16.12 20.12 -19.13
N LYS A 224 -16.73 20.67 -18.10
CA LYS A 224 -18.17 21.05 -18.24
C LYS A 224 -18.49 22.01 -19.38
N ARG A 225 -17.61 23.00 -19.65
CA ARG A 225 -17.65 23.83 -20.92
C ARG A 225 -17.64 22.98 -22.17
N ARG A 226 -18.45 23.35 -23.15
CA ARG A 226 -18.70 22.52 -24.37
C ARG A 226 -19.34 21.15 -24.05
N GLY A 227 -19.77 20.97 -22.80
CA GLY A 227 -20.68 19.91 -22.48
C GLY A 227 -20.11 18.58 -22.08
N GLY A 228 -18.93 18.60 -21.47
CA GLY A 228 -18.26 17.37 -21.08
C GLY A 228 -18.81 16.89 -19.79
N ARG A 229 -18.53 15.64 -19.46
CA ARG A 229 -19.00 15.02 -18.27
C ARG A 229 -17.94 14.95 -17.19
N LEU A 230 -18.39 14.99 -15.94
CA LEU A 230 -17.51 15.05 -14.78
C LEU A 230 -17.92 13.98 -13.76
N VAL A 231 -16.92 13.19 -13.36
CA VAL A 231 -17.04 12.16 -12.37
C VAL A 231 -16.02 12.44 -11.23
N ILE A 232 -16.50 12.45 -9.99
CA ILE A 232 -15.72 12.57 -8.79
C ILE A 232 -15.74 11.25 -8.04
N VAL A 233 -14.58 10.64 -7.77
CA VAL A 233 -14.49 9.44 -6.85
C VAL A 233 -13.73 9.92 -5.63
N ASN A 234 -14.39 9.86 -4.44
CA ASN A 234 -13.84 10.44 -3.23
C ASN A 234 -14.65 9.90 -1.98
N LEU A 235 -13.94 9.56 -0.90
CA LEU A 235 -14.55 9.24 0.35
C LEU A 235 -15.28 10.44 1.02
N GLN A 236 -14.67 11.62 1.04
CA GLN A 236 -15.27 12.80 1.59
C GLN A 236 -16.01 13.58 0.54
N PRO A 237 -16.89 14.51 1.00
CA PRO A 237 -17.34 15.56 0.12
C PRO A 237 -16.15 16.39 -0.48
N THR A 238 -16.29 16.87 -1.71
CA THR A 238 -15.38 17.73 -2.41
C THR A 238 -16.09 19.04 -2.66
N LYS A 239 -15.33 20.07 -3.06
CA LYS A 239 -15.84 21.44 -3.29
C LYS A 239 -16.83 21.47 -4.46
N HIS A 240 -16.70 20.56 -5.43
CA HIS A 240 -17.57 20.68 -6.59
C HIS A 240 -18.52 19.58 -6.76
N ASP A 241 -18.91 18.88 -5.68
CA ASP A 241 -19.80 17.78 -5.75
C ASP A 241 -21.10 18.14 -6.50
N ARG A 242 -21.59 19.36 -6.38
CA ARG A 242 -22.86 19.60 -7.12
C ARG A 242 -22.67 19.78 -8.67
N HIS A 243 -21.46 20.07 -9.17
CA HIS A 243 -21.18 20.05 -10.65
C HIS A 243 -20.97 18.69 -11.29
N ALA A 244 -21.02 17.62 -10.52
CA ALA A 244 -20.63 16.30 -11.02
C ALA A 244 -21.81 15.56 -11.65
N ASP A 245 -21.60 14.76 -12.70
CA ASP A 245 -22.68 13.92 -13.21
C ASP A 245 -22.75 12.64 -12.48
N LEU A 246 -21.63 12.20 -11.91
CA LEU A 246 -21.57 10.94 -11.09
C LEU A 246 -20.59 11.17 -9.95
N ARG A 247 -20.97 10.75 -8.75
CA ARG A 247 -20.19 10.82 -7.61
C ARG A 247 -20.13 9.43 -6.97
N ILE A 248 -18.91 8.88 -6.80
CA ILE A 248 -18.72 7.59 -6.26
C ILE A 248 -18.00 7.69 -4.95
N HIS A 249 -18.65 7.18 -3.90
CA HIS A 249 -18.15 7.21 -2.56
C HIS A 249 -17.65 5.87 -2.16
N GLY A 250 -16.32 5.65 -2.35
CA GLY A 250 -15.71 4.36 -2.09
C GLY A 250 -14.24 4.49 -2.07
N TYR A 251 -13.56 3.44 -1.58
CA TYR A 251 -12.13 3.37 -1.76
C TYR A 251 -11.70 3.33 -3.21
N VAL A 252 -10.78 4.23 -3.61
CA VAL A 252 -10.35 4.26 -4.98
C VAL A 252 -9.75 2.98 -5.55
N ASP A 253 -8.91 2.27 -4.77
CA ASP A 253 -8.43 0.96 -5.25
C ASP A 253 -9.62 -0.02 -5.57
N GLU A 254 -10.76 0.07 -4.84
CA GLU A 254 -11.84 -0.90 -5.06
C GLU A 254 -12.57 -0.46 -6.33
N VAL A 255 -12.76 0.87 -6.51
CA VAL A 255 -13.34 1.48 -7.71
C VAL A 255 -12.49 1.28 -8.94
N MET A 256 -11.18 1.57 -8.84
CA MET A 256 -10.33 1.30 -10.00
C MET A 256 -10.26 -0.20 -10.38
N THR A 257 -10.20 -1.10 -9.39
CA THR A 257 -10.10 -2.51 -9.79
C THR A 257 -11.32 -3.02 -10.40
N ARG A 258 -12.51 -2.58 -9.92
CA ARG A 258 -13.76 -3.08 -10.58
C ARG A 258 -13.95 -2.52 -11.97
N LEU A 259 -13.53 -1.29 -12.14
CA LEU A 259 -13.64 -0.67 -13.43
C LEU A 259 -12.73 -1.43 -14.44
N MET A 260 -11.53 -1.70 -14.03
CA MET A 260 -10.59 -2.36 -14.92
C MET A 260 -11.20 -3.73 -15.38
N LYS A 261 -11.79 -4.48 -14.45
CA LYS A 261 -12.46 -5.72 -14.77
C LYS A 261 -13.58 -5.53 -15.77
N HIS A 262 -14.43 -4.54 -15.64
CA HIS A 262 -15.48 -4.24 -16.64
C HIS A 262 -14.83 -3.89 -17.98
N LEU A 263 -13.72 -3.18 -17.98
CA LEU A 263 -13.09 -2.78 -19.23
C LEU A 263 -12.34 -3.98 -19.84
N GLY A 264 -12.21 -5.10 -19.09
CA GLY A 264 -11.51 -6.28 -19.56
C GLY A 264 -9.99 -6.05 -19.57
N LEU A 265 -9.47 -5.25 -18.66
CA LEU A 265 -8.02 -4.91 -18.67
C LEU A 265 -7.32 -5.48 -17.44
N GLU A 266 -6.07 -5.89 -17.59
CA GLU A 266 -5.25 -6.30 -16.44
C GLU A 266 -4.59 -5.16 -15.89
N ILE A 267 -4.41 -5.16 -14.56
CA ILE A 267 -3.60 -4.12 -13.92
C ILE A 267 -2.17 -4.68 -13.93
N PRO A 268 -1.21 -4.01 -14.58
CA PRO A 268 0.09 -4.51 -14.77
C PRO A 268 1.07 -4.28 -13.59
N ALA A 269 2.11 -5.04 -13.70
CA ALA A 269 3.01 -5.36 -12.62
C ALA A 269 3.95 -4.19 -12.54
N TRP A 270 4.34 -3.80 -11.35
CA TRP A 270 5.36 -2.75 -11.23
C TRP A 270 6.78 -3.39 -11.26
N ASP A 271 7.64 -2.89 -12.11
CA ASP A 271 9.05 -3.39 -12.11
C ASP A 271 9.97 -2.84 -11.02
N GLY A 272 9.49 -1.89 -10.22
CA GLY A 272 10.33 -1.15 -9.31
C GLY A 272 10.50 0.22 -9.94
N PRO A 273 11.23 1.13 -9.28
CA PRO A 273 11.26 2.58 -9.72
C PRO A 273 11.83 2.79 -11.10
N ARG A 274 11.06 3.42 -11.99
CA ARG A 274 11.43 3.57 -13.38
C ARG A 274 10.97 4.96 -13.85
N VAL A 275 11.66 5.54 -14.82
CA VAL A 275 11.30 6.84 -15.35
C VAL A 275 11.10 6.67 -16.77
N LEU A 276 9.91 7.04 -17.28
CA LEU A 276 9.62 7.02 -18.71
C LEU A 276 9.33 8.49 -19.20
N GLU A 277 10.18 9.04 -20.06
CA GLU A 277 9.95 10.42 -20.53
C GLU A 277 8.80 10.56 -21.46
N ARG A 278 8.69 9.58 -22.35
CA ARG A 278 7.84 9.76 -23.52
C ARG A 278 6.97 8.58 -23.71
N ALA A 279 5.70 8.84 -23.94
CA ALA A 279 4.70 7.82 -24.06
C ALA A 279 4.99 6.88 -25.22
N LEU A 280 4.80 5.59 -24.98
CA LEU A 280 5.05 4.56 -25.99
C LEU A 280 3.90 4.46 -27.02
N PRO A 281 4.09 3.74 -28.14
CA PRO A 281 2.98 3.46 -29.06
C PRO A 281 1.84 2.66 -28.37
N PRO A 282 0.58 2.99 -28.62
CA PRO A 282 -0.58 2.35 -28.01
C PRO A 282 -0.72 0.83 -28.19
N LEU A 283 -1.10 0.13 -27.15
CA LEU A 283 -1.20 -1.35 -27.23
C LEU A 283 -2.66 -1.74 -27.64
N PRO A 284 -2.89 -3.01 -28.06
CA PRO A 284 -4.19 -3.46 -28.44
C PRO A 284 -5.12 -3.27 -27.25
N ARG A 285 -6.40 -3.01 -27.47
CA ARG A 285 -7.37 -3.13 -26.38
C ARG A 285 -8.71 -3.80 -26.72
N PRO A 286 -9.44 -4.24 -25.68
CA PRO A 286 -10.64 -5.04 -25.96
C PRO A 286 -11.62 -4.23 -26.88
N PRO A 287 -12.44 -4.93 -27.69
CA PRO A 287 -13.43 -4.13 -28.35
C PRO A 287 -14.56 -3.63 -27.38
N THR A 288 -15.29 -2.62 -27.81
CA THR A 288 -16.20 -1.85 -26.93
C THR A 288 -17.61 -2.49 -26.94
N PRO A 289 -18.29 -2.50 -25.77
CA PRO A 289 -19.63 -3.00 -25.82
C PRO A 289 -20.59 -2.07 -26.55
N LYS A 290 -21.73 -2.63 -26.95
CA LYS A 290 -22.79 -1.88 -27.57
C LYS A 290 -23.50 -1.33 -26.36
N LEU A 291 -23.74 -0.07 -26.34
CA LEU A 291 -24.43 0.60 -25.29
C LEU A 291 -25.56 1.29 -26.08
N GLU A 292 -26.81 0.85 -25.90
CA GLU A 292 -28.00 1.52 -26.54
C GLU A 292 -28.07 3.06 -26.38
N LYS B 9 -4.97 -3.68 27.73
CA LYS B 9 -4.38 -4.23 26.46
C LYS B 9 -2.94 -3.76 26.24
N GLY B 10 -2.03 -4.32 27.04
CA GLY B 10 -0.59 -4.07 26.94
C GLY B 10 -0.18 -2.63 27.14
N LYS B 11 0.96 -2.25 26.54
CA LYS B 11 1.44 -0.87 26.49
C LYS B 11 1.27 -0.46 25.05
N CYS B 12 0.55 0.63 24.83
CA CYS B 12 0.20 1.08 23.48
C CYS B 12 0.78 2.40 23.22
N GLY B 13 1.00 2.68 21.95
CA GLY B 13 1.47 4.00 21.56
C GLY B 13 2.80 4.49 22.07
N LEU B 14 3.74 3.59 22.33
CA LEU B 14 5.13 3.98 22.60
C LEU B 14 5.75 4.64 21.37
N PRO B 15 6.71 5.55 21.57
CA PRO B 15 7.24 6.29 20.43
C PRO B 15 8.16 5.42 19.61
N GLU B 16 8.28 5.74 18.37
CA GLU B 16 9.11 5.00 17.46
C GLU B 16 10.59 5.29 17.56
N ILE B 17 11.37 4.31 17.20
CA ILE B 17 12.84 4.41 17.07
C ILE B 17 13.14 4.26 15.57
N PHE B 18 13.85 5.21 14.97
CA PHE B 18 14.50 5.04 13.68
C PHE B 18 16.03 5.01 13.59
N ASP B 19 16.60 3.80 13.41
CA ASP B 19 18.06 3.65 13.23
C ASP B 19 18.53 4.63 12.15
N PRO B 20 19.58 5.44 12.41
CA PRO B 20 20.22 6.20 11.34
C PRO B 20 20.64 5.30 10.15
N PRO B 21 20.74 5.87 8.93
CA PRO B 21 20.76 5.08 7.71
C PRO B 21 22.04 4.25 7.53
N GLU B 22 23.18 4.77 7.97
CA GLU B 22 24.42 3.99 7.84
C GLU B 22 24.39 2.77 8.75
N GLU B 23 23.80 2.98 9.90
CA GLU B 23 23.69 1.98 10.89
C GLU B 23 22.69 0.93 10.44
N LEU B 24 21.57 1.43 9.88
CA LEU B 24 20.52 0.62 9.25
C LEU B 24 21.11 -0.26 8.13
N GLU B 25 21.88 0.33 7.21
CA GLU B 25 22.53 -0.48 6.14
C GLU B 25 23.31 -1.63 6.71
N ARG B 26 23.99 -1.31 7.81
CA ARG B 26 24.91 -2.20 8.40
C ARG B 26 24.21 -3.36 9.14
N LYS B 27 23.12 -3.07 9.82
CA LYS B 27 22.29 -4.14 10.40
C LYS B 27 21.66 -5.16 9.40
N VAL B 28 21.20 -4.69 8.26
CA VAL B 28 20.60 -5.51 7.20
C VAL B 28 21.65 -6.44 6.60
N TRP B 29 22.90 -5.96 6.43
CA TRP B 29 24.02 -6.84 6.01
C TRP B 29 24.20 -7.91 7.04
N GLU B 30 24.15 -7.54 8.34
CA GLU B 30 24.30 -8.52 9.40
C GLU B 30 23.16 -9.51 9.35
N LEU B 31 21.92 -9.03 9.09
CA LEU B 31 20.81 -9.92 8.86
C LEU B 31 21.05 -10.84 7.66
N ALA B 32 21.46 -10.32 6.53
CA ALA B 32 21.77 -11.19 5.34
C ALA B 32 22.77 -12.28 5.66
N ARG B 33 23.84 -11.91 6.36
CA ARG B 33 24.80 -12.88 6.88
C ARG B 33 24.10 -14.02 7.67
N LEU B 34 23.28 -13.66 8.66
CA LEU B 34 22.57 -14.65 9.49
C LEU B 34 21.71 -15.52 8.64
N VAL B 35 21.08 -14.96 7.58
CA VAL B 35 20.21 -15.77 6.73
C VAL B 35 21.08 -16.78 5.94
N TRP B 36 22.20 -16.34 5.40
CA TRP B 36 23.12 -17.27 4.69
C TRP B 36 23.69 -18.36 5.67
N GLN B 37 24.08 -18.00 6.89
CA GLN B 37 24.58 -19.02 7.86
C GLN B 37 23.56 -19.98 8.49
N SER B 38 22.25 -19.70 8.44
CA SER B 38 21.31 -20.54 9.13
C SER B 38 20.74 -21.64 8.31
N SER B 39 20.53 -22.83 8.90
CA SER B 39 19.83 -23.95 8.23
C SER B 39 18.32 -24.01 8.42
N SER B 40 17.75 -23.30 9.35
CA SER B 40 16.32 -23.42 9.50
C SER B 40 15.81 -22.10 10.10
N VAL B 41 15.12 -21.33 9.24
CA VAL B 41 14.83 -19.97 9.52
C VAL B 41 13.28 -19.85 9.68
N VAL B 42 12.81 -19.27 10.75
CA VAL B 42 11.38 -19.06 10.86
C VAL B 42 11.10 -17.57 10.95
N PHE B 43 10.05 -17.13 10.30
CA PHE B 43 9.66 -15.73 10.34
C PHE B 43 8.33 -15.75 11.09
N HIS B 44 8.19 -14.73 11.90
CA HIS B 44 7.06 -14.48 12.78
C HIS B 44 6.58 -13.07 12.40
N THR B 45 5.36 -12.99 11.86
CA THR B 45 4.81 -11.69 11.48
C THR B 45 3.61 -11.20 12.32
N GLY B 46 3.56 -9.87 12.49
CA GLY B 46 2.46 -9.13 13.06
C GLY B 46 1.85 -8.06 12.16
N ALA B 47 0.99 -7.29 12.81
CA ALA B 47 0.14 -6.33 12.11
C ALA B 47 0.90 -5.18 11.45
N GLY B 48 2.11 -4.99 11.91
CA GLY B 48 3.10 -4.07 11.35
C GLY B 48 3.51 -4.33 9.89
N ILE B 49 3.43 -5.58 9.43
CA ILE B 49 3.59 -5.84 8.00
C ILE B 49 2.47 -5.53 7.05
N SER B 50 1.32 -5.09 7.55
CA SER B 50 0.17 -4.69 6.74
C SER B 50 -0.13 -3.19 6.71
N THR B 51 0.50 -2.44 7.59
CA THR B 51 0.17 -1.07 7.71
C THR B 51 0.47 -0.34 6.43
N ALA B 52 1.53 -0.75 5.67
CA ALA B 52 1.82 -0.15 4.36
C ALA B 52 0.90 -0.49 3.19
N SER B 53 -0.11 -1.35 3.38
CA SER B 53 -1.14 -1.52 2.44
C SER B 53 -2.50 -0.90 2.97
N GLY B 54 -2.44 0.00 3.96
CA GLY B 54 -3.59 0.78 4.47
C GLY B 54 -4.40 0.18 5.67
N ILE B 55 -3.93 -0.90 6.25
CA ILE B 55 -4.61 -1.62 7.38
C ILE B 55 -3.83 -1.22 8.63
N PRO B 56 -4.48 -0.65 9.67
CA PRO B 56 -3.83 -0.12 10.82
C PRO B 56 -3.43 -1.25 11.78
N ASP B 57 -2.42 -1.06 12.61
CA ASP B 57 -1.96 -2.10 13.52
C ASP B 57 -2.73 -1.93 14.83
N PHE B 58 -2.30 -2.58 15.93
CA PHE B 58 -3.04 -2.49 17.24
C PHE B 58 -2.51 -1.41 18.23
N ARG B 59 -1.20 -1.34 18.42
CA ARG B 59 -0.45 -0.51 19.42
C ARG B 59 0.57 0.47 18.83
N GLY B 60 0.59 0.63 17.51
CA GLY B 60 1.29 1.78 16.90
C GLY B 60 0.68 3.15 17.27
N PRO B 61 1.33 4.23 16.87
CA PRO B 61 0.76 5.53 17.25
C PRO B 61 -0.75 5.66 16.86
N HIS B 62 -1.13 5.23 15.67
CA HIS B 62 -2.54 5.32 15.23
C HIS B 62 -3.13 3.92 15.19
N GLY B 63 -2.66 3.03 16.05
CA GLY B 63 -3.23 1.67 16.10
C GLY B 63 -4.61 1.63 16.75
N VAL B 64 -5.39 0.64 16.38
CA VAL B 64 -6.73 0.39 16.85
C VAL B 64 -6.91 0.74 18.37
N TRP B 65 -6.02 0.26 19.25
CA TRP B 65 -6.23 0.45 20.71
C TRP B 65 -5.70 1.81 21.15
N THR B 66 -4.46 2.11 20.80
CA THR B 66 -3.90 3.45 20.90
C THR B 66 -4.85 4.61 20.48
N MET B 67 -5.58 4.47 19.39
CA MET B 67 -6.63 5.47 19.06
C MET B 67 -7.83 5.34 19.97
N GLU B 68 -8.27 4.11 20.22
CA GLU B 68 -9.48 3.86 21.06
C GLU B 68 -9.28 4.40 22.49
N GLU B 69 -8.09 4.20 23.07
CA GLU B 69 -7.71 4.93 24.27
C GLU B 69 -7.98 6.42 24.18
N ARG B 70 -7.54 7.08 23.12
CA ARG B 70 -7.72 8.54 23.04
C ARG B 70 -9.05 9.05 22.40
N GLY B 71 -10.05 8.17 22.32
CA GLY B 71 -11.38 8.62 21.89
C GLY B 71 -11.46 8.82 20.39
N LEU B 72 -10.59 8.11 19.68
CA LEU B 72 -10.42 8.20 18.27
C LEU B 72 -10.65 6.85 17.70
N ALA B 73 -10.87 6.79 16.40
CA ALA B 73 -11.05 5.54 15.71
C ALA B 73 -9.85 5.25 14.84
N PRO B 74 -9.62 3.94 14.62
CA PRO B 74 -8.63 3.52 13.65
C PRO B 74 -9.14 3.86 12.25
N LYS B 75 -8.22 4.13 11.35
CA LYS B 75 -8.62 4.34 9.98
C LYS B 75 -8.05 3.32 9.03
N PHE B 76 -8.93 2.84 8.16
CA PHE B 76 -8.59 1.98 7.02
C PHE B 76 -8.52 2.84 5.75
N ASP B 77 -7.51 2.59 4.91
CA ASP B 77 -7.31 3.28 3.61
C ASP B 77 -7.58 2.30 2.49
N THR B 78 -8.07 1.11 2.90
CA THR B 78 -8.46 0.02 2.03
C THR B 78 -9.54 -0.88 2.65
N THR B 79 -10.26 -1.66 1.85
CA THR B 79 -11.02 -2.77 2.41
C THR B 79 -10.12 -4.02 2.51
N PHE B 80 -10.56 -4.92 3.36
CA PHE B 80 -9.81 -6.17 3.51
C PHE B 80 -9.78 -6.89 2.18
N GLU B 81 -10.86 -6.80 1.42
CA GLU B 81 -10.92 -7.42 0.11
C GLU B 81 -10.15 -6.72 -0.97
N SER B 82 -10.10 -5.39 -0.93
CA SER B 82 -9.25 -4.71 -1.88
C SER B 82 -7.77 -4.57 -1.47
N ALA B 83 -7.36 -4.98 -0.27
CA ALA B 83 -5.96 -4.84 0.13
C ALA B 83 -4.98 -5.63 -0.75
N ARG B 84 -3.85 -5.03 -1.08
CA ARG B 84 -2.82 -5.78 -1.66
C ARG B 84 -1.70 -6.18 -0.67
N PRO B 85 -1.13 -7.37 -0.85
CA PRO B 85 0.16 -7.62 -0.20
C PRO B 85 1.26 -6.61 -0.52
N THR B 86 1.99 -6.30 0.54
CA THR B 86 3.11 -5.44 0.54
C THR B 86 4.34 -6.15 0.03
N GLN B 87 5.31 -5.29 -0.27
CA GLN B 87 6.68 -5.69 -0.61
C GLN B 87 7.15 -6.80 0.39
N THR B 88 6.88 -6.60 1.67
CA THR B 88 7.27 -7.56 2.64
C THR B 88 6.60 -8.94 2.43
N HIS B 89 5.28 -8.96 2.16
CA HIS B 89 4.55 -10.17 1.96
C HIS B 89 5.11 -10.92 0.80
N MET B 90 5.38 -10.15 -0.23
CA MET B 90 5.84 -10.72 -1.38
C MET B 90 7.31 -11.23 -1.24
N ALA B 91 8.18 -10.53 -0.52
CA ALA B 91 9.53 -11.12 -0.30
C ALA B 91 9.46 -12.52 0.41
N LEU B 92 8.58 -12.66 1.38
CA LEU B 92 8.47 -13.98 2.14
C LEU B 92 7.98 -15.02 1.16
N VAL B 93 7.12 -14.64 0.19
CA VAL B 93 6.74 -15.60 -0.86
C VAL B 93 7.95 -16.18 -1.60
N GLN B 94 8.84 -15.27 -1.99
CA GLN B 94 10.05 -15.62 -2.68
C GLN B 94 11.08 -16.37 -1.80
N LEU B 95 11.19 -15.99 -0.53
CA LEU B 95 12.22 -16.61 0.32
C LEU B 95 11.80 -18.06 0.46
N GLU B 96 10.52 -18.29 0.65
CA GLU B 96 10.03 -19.68 0.78
C GLU B 96 10.30 -20.41 -0.55
N ARG B 97 10.05 -19.77 -1.70
CA ARG B 97 10.26 -20.55 -2.99
C ARG B 97 11.70 -20.96 -3.33
N VAL B 98 12.66 -20.20 -2.84
CA VAL B 98 14.03 -20.54 -3.02
C VAL B 98 14.67 -21.35 -1.83
N GLY B 99 13.88 -21.74 -0.87
CA GLY B 99 14.29 -22.56 0.28
C GLY B 99 15.07 -21.88 1.40
N LEU B 100 14.99 -20.54 1.54
CA LEU B 100 15.59 -19.82 2.60
C LEU B 100 14.65 -19.43 3.76
N LEU B 101 13.41 -19.90 3.74
CA LEU B 101 12.46 -19.71 4.84
C LEU B 101 11.89 -21.15 5.09
N ARG B 102 11.87 -21.66 6.33
CA ARG B 102 11.29 -23.03 6.58
C ARG B 102 9.83 -22.95 6.88
N PHE B 103 9.43 -21.95 7.67
CA PHE B 103 8.08 -21.85 8.16
C PHE B 103 7.72 -20.41 8.51
N LEU B 104 6.45 -20.14 8.47
CA LEU B 104 5.98 -18.77 8.67
C LEU B 104 4.91 -18.76 9.68
N VAL B 105 5.09 -17.95 10.73
CA VAL B 105 4.10 -17.81 11.83
C VAL B 105 3.47 -16.43 11.94
N SER B 106 2.18 -16.38 11.79
CA SER B 106 1.56 -15.09 11.76
C SER B 106 0.43 -14.92 12.73
N GLN B 107 0.40 -13.78 13.37
CA GLN B 107 -0.65 -13.40 14.28
C GLN B 107 -1.80 -12.74 13.54
N ASN B 108 -1.61 -12.49 12.23
CA ASN B 108 -2.54 -11.58 11.51
C ASN B 108 -3.77 -12.31 11.06
N VAL B 109 -4.90 -11.64 11.23
CA VAL B 109 -6.22 -12.09 10.67
C VAL B 109 -6.61 -11.54 9.27
N ASP B 110 -5.79 -10.62 8.78
CA ASP B 110 -6.08 -9.98 7.49
C ASP B 110 -6.16 -10.87 6.24
N GLY B 111 -5.67 -12.12 6.26
CA GLY B 111 -5.76 -12.97 5.10
C GLY B 111 -4.76 -12.72 3.94
N LEU B 112 -3.78 -11.80 4.10
CA LEU B 112 -2.86 -11.44 3.00
C LEU B 112 -1.78 -12.46 2.69
N HIS B 113 -1.25 -13.16 3.69
CA HIS B 113 -0.26 -14.19 3.44
C HIS B 113 -0.83 -15.24 2.53
N VAL B 114 -2.03 -15.71 2.82
CA VAL B 114 -2.68 -16.70 1.94
C VAL B 114 -2.98 -16.10 0.57
N ARG B 115 -3.55 -14.89 0.52
CA ARG B 115 -3.88 -14.27 -0.76
C ARG B 115 -2.67 -13.91 -1.71
N SER B 116 -1.53 -13.76 -1.05
CA SER B 116 -0.23 -13.50 -1.71
C SER B 116 0.29 -14.70 -2.51
N GLY B 117 -0.21 -15.89 -2.13
CA GLY B 117 0.13 -17.17 -2.70
C GLY B 117 1.11 -17.95 -1.81
N PHE B 118 1.29 -17.55 -0.55
CA PHE B 118 2.19 -18.30 0.29
C PHE B 118 1.53 -19.66 0.62
N PRO B 119 2.31 -20.70 0.59
CA PRO B 119 1.73 -22.04 0.74
C PRO B 119 1.26 -22.35 2.20
N ARG B 120 0.00 -22.71 2.28
CA ARG B 120 -0.71 -22.91 3.52
C ARG B 120 -0.01 -23.99 4.44
N ASP B 121 0.62 -24.99 3.83
CA ASP B 121 1.30 -26.07 4.60
C ASP B 121 2.65 -25.60 5.15
N LYS B 122 3.05 -24.36 4.86
CA LYS B 122 4.14 -23.76 5.58
C LYS B 122 3.86 -22.56 6.46
N LEU B 123 2.60 -22.39 6.82
CA LEU B 123 2.12 -21.24 7.50
C LEU B 123 1.23 -21.59 8.70
N ALA B 124 1.52 -21.01 9.86
CA ALA B 124 0.59 -21.00 11.03
C ALA B 124 -0.07 -19.64 11.17
N GLU B 125 -1.40 -19.64 11.20
CA GLU B 125 -2.15 -18.43 11.35
C GLU B 125 -2.80 -18.48 12.73
N LEU B 126 -2.04 -18.08 13.73
CA LEU B 126 -2.40 -18.38 15.10
C LEU B 126 -3.71 -17.74 15.59
N HIS B 127 -4.11 -16.52 15.09
CA HIS B 127 -5.37 -15.85 15.54
C HIS B 127 -6.57 -15.96 14.61
N GLY B 128 -6.41 -16.78 13.55
CA GLY B 128 -7.38 -17.06 12.54
C GLY B 128 -7.19 -16.20 11.27
N ASN B 129 -8.18 -16.32 10.39
CA ASN B 129 -8.10 -15.72 9.05
C ASN B 129 -9.47 -15.30 8.67
N MET B 130 -9.63 -14.00 8.52
CA MET B 130 -10.97 -13.42 8.26
C MET B 130 -11.64 -13.92 7.04
N PHE B 131 -10.90 -14.50 6.08
CA PHE B 131 -11.52 -15.14 4.87
C PHE B 131 -11.82 -16.66 4.88
N VAL B 132 -11.54 -17.32 5.98
CA VAL B 132 -11.57 -18.74 6.12
C VAL B 132 -12.67 -19.14 7.12
N GLU B 133 -13.55 -20.06 6.69
CA GLU B 133 -14.50 -20.71 7.56
C GLU B 133 -14.26 -22.21 7.62
N GLU B 134 -14.67 -22.79 8.76
CA GLU B 134 -14.27 -24.16 9.12
C GLU B 134 -15.50 -24.99 9.47
N CYS B 135 -15.57 -26.23 9.00
CA CYS B 135 -16.70 -27.10 9.39
C CYS B 135 -16.50 -27.68 10.80
N ALA B 136 -17.48 -27.38 11.62
CA ALA B 136 -17.63 -27.79 12.98
C ALA B 136 -17.67 -29.31 13.05
N LYS B 137 -18.23 -29.94 12.04
CA LYS B 137 -18.23 -31.37 11.99
C LYS B 137 -16.99 -32.02 11.43
N CYS B 138 -16.73 -31.90 10.14
CA CYS B 138 -15.59 -32.59 9.54
C CYS B 138 -14.26 -31.86 9.55
N LYS B 139 -14.29 -30.65 10.08
CA LYS B 139 -13.13 -29.74 10.21
C LYS B 139 -12.55 -29.17 8.90
N THR B 140 -13.26 -29.38 7.80
CA THR B 140 -12.81 -28.95 6.49
C THR B 140 -12.75 -27.44 6.37
N GLN B 141 -11.65 -26.86 5.85
CA GLN B 141 -11.52 -25.33 5.72
C GLN B 141 -11.91 -24.80 4.34
N TYR B 142 -12.66 -23.69 4.28
CA TYR B 142 -13.03 -23.11 3.02
C TYR B 142 -12.36 -21.73 2.97
N VAL B 143 -11.50 -21.47 1.99
CA VAL B 143 -10.92 -20.13 1.82
C VAL B 143 -11.78 -19.30 0.83
N ARG B 144 -12.53 -18.34 1.41
CA ARG B 144 -13.45 -17.58 0.62
C ARG B 144 -12.78 -16.38 -0.06
N ASP B 145 -13.49 -15.78 -1.04
CA ASP B 145 -13.04 -14.56 -1.71
C ASP B 145 -13.50 -13.25 -1.10
N THR B 146 -14.54 -13.29 -0.24
CA THR B 146 -14.88 -12.18 0.63
C THR B 146 -14.76 -12.61 2.08
N VAL B 147 -14.77 -11.61 3.00
CA VAL B 147 -14.51 -11.91 4.43
C VAL B 147 -15.75 -12.56 5.02
N VAL B 148 -15.53 -13.58 5.82
CA VAL B 148 -16.59 -14.24 6.53
C VAL B 148 -17.19 -13.19 7.47
N GLY B 149 -18.51 -13.05 7.42
CA GLY B 149 -19.16 -11.97 8.17
C GLY B 149 -19.18 -11.97 9.72
N THR B 150 -18.76 -13.05 10.40
CA THR B 150 -18.74 -13.10 11.88
C THR B 150 -17.31 -13.05 12.51
N MET B 151 -17.24 -12.85 13.82
CA MET B 151 -16.00 -12.89 14.60
C MET B 151 -16.28 -13.95 15.70
N GLY B 152 -15.30 -14.27 16.53
CA GLY B 152 -15.48 -15.11 17.79
C GLY B 152 -15.94 -16.54 17.66
N LEU B 153 -15.46 -17.23 16.63
CA LEU B 153 -15.85 -18.60 16.23
C LEU B 153 -17.35 -18.95 16.10
N LYS B 154 -18.17 -17.99 15.71
CA LYS B 154 -19.63 -18.25 15.57
C LYS B 154 -20.03 -18.77 14.20
N ALA B 155 -21.25 -19.26 14.10
CA ALA B 155 -21.75 -19.84 12.85
C ALA B 155 -22.14 -18.72 11.86
N THR B 156 -21.79 -18.97 10.58
CA THR B 156 -21.88 -17.95 9.52
C THR B 156 -23.18 -18.01 8.74
N GLY B 157 -23.92 -19.13 8.92
CA GLY B 157 -25.21 -19.41 8.29
C GLY B 157 -25.07 -20.41 7.13
N ARG B 158 -23.83 -20.81 6.79
CA ARG B 158 -23.56 -21.64 5.58
C ARG B 158 -23.26 -23.09 6.01
N LEU B 159 -23.54 -23.99 5.09
CA LEU B 159 -23.39 -25.45 5.28
C LEU B 159 -22.25 -26.09 4.47
N CYS B 160 -21.77 -27.26 4.91
CA CYS B 160 -20.58 -27.94 4.40
C CYS B 160 -20.86 -28.88 3.21
N THR B 161 -20.18 -28.67 2.09
CA THR B 161 -20.43 -29.44 0.88
C THR B 161 -19.59 -30.68 0.71
N VAL B 162 -18.88 -31.16 1.75
CA VAL B 162 -17.98 -32.37 1.56
C VAL B 162 -18.84 -33.64 1.45
N ALA B 163 -18.45 -34.61 0.60
CA ALA B 163 -19.06 -36.00 0.48
C ALA B 163 -19.96 -36.50 1.64
N CYS B 171 -22.11 -34.14 4.43
CA CYS B 171 -21.81 -33.76 5.81
C CYS B 171 -22.75 -32.70 6.41
N ARG B 172 -23.10 -31.73 5.55
CA ARG B 172 -24.00 -30.61 5.81
C ARG B 172 -23.86 -29.91 7.15
N GLY B 173 -22.69 -29.97 7.81
CA GLY B 173 -22.49 -29.34 9.13
C GLY B 173 -22.35 -27.81 9.12
N GLU B 174 -22.41 -27.18 10.29
CA GLU B 174 -22.40 -25.70 10.35
C GLU B 174 -20.91 -25.19 10.22
N LEU B 175 -20.73 -24.23 9.31
CA LEU B 175 -19.49 -23.52 9.11
C LEU B 175 -19.41 -22.39 10.09
N ARG B 176 -18.25 -22.22 10.71
CA ARG B 176 -18.02 -21.19 11.69
C ARG B 176 -16.81 -20.34 11.31
N ASP B 177 -16.75 -19.08 11.75
CA ASP B 177 -15.61 -18.28 11.37
C ASP B 177 -14.45 -18.93 12.14
N THR B 178 -13.22 -18.47 11.89
CA THR B 178 -12.01 -18.90 12.63
C THR B 178 -11.32 -17.73 13.44
N ILE B 179 -12.02 -16.62 13.63
CA ILE B 179 -11.41 -15.52 14.36
C ILE B 179 -11.58 -15.80 15.89
N LEU B 180 -10.44 -16.11 16.58
CA LEU B 180 -10.43 -16.29 18.05
C LEU B 180 -10.83 -14.96 18.76
N ASP B 181 -11.72 -15.04 19.74
CA ASP B 181 -11.97 -13.88 20.61
C ASP B 181 -10.99 -14.05 21.74
N TRP B 182 -10.78 -12.97 22.50
CA TRP B 182 -10.00 -12.99 23.74
C TRP B 182 -10.17 -14.25 24.57
N GLU B 183 -11.39 -14.79 24.65
CA GLU B 183 -11.66 -15.97 25.47
C GLU B 183 -10.91 -17.23 24.97
N ASP B 184 -10.86 -17.40 23.63
CA ASP B 184 -10.48 -18.68 22.96
C ASP B 184 -9.00 -19.11 23.08
N SER B 185 -8.80 -20.43 22.99
CA SER B 185 -7.51 -21.06 22.77
C SER B 185 -7.15 -21.08 21.30
N LEU B 186 -5.84 -20.94 21.05
CA LEU B 186 -5.25 -21.03 19.69
C LEU B 186 -5.50 -22.41 19.04
N PRO B 187 -5.56 -22.48 17.69
CA PRO B 187 -5.76 -23.74 17.01
C PRO B 187 -4.56 -24.61 17.26
N ASP B 188 -4.82 -25.84 17.63
CA ASP B 188 -3.77 -26.76 18.04
C ASP B 188 -2.81 -27.14 16.96
N ARG B 189 -3.34 -27.34 15.77
CA ARG B 189 -2.52 -27.73 14.68
C ARG B 189 -1.49 -26.64 14.45
N ASP B 190 -1.99 -25.41 14.29
CA ASP B 190 -1.14 -24.24 13.95
C ASP B 190 -0.16 -23.99 15.03
N LEU B 191 -0.60 -24.13 16.29
CA LEU B 191 0.27 -23.75 17.41
C LEU B 191 1.28 -24.85 17.59
N ALA B 192 0.88 -26.10 17.38
CA ALA B 192 1.80 -27.20 17.52
C ALA B 192 2.88 -27.11 16.43
N LEU B 193 2.50 -26.85 15.18
CA LEU B 193 3.52 -26.69 14.13
C LEU B 193 4.39 -25.43 14.33
N ALA B 194 3.78 -24.34 14.75
CA ALA B 194 4.49 -23.09 15.09
C ALA B 194 5.52 -23.32 16.16
N ASP B 195 5.09 -24.05 17.19
CA ASP B 195 6.03 -24.44 18.28
C ASP B 195 7.15 -25.26 17.82
N GLU B 196 6.85 -26.26 16.98
CA GLU B 196 7.92 -27.17 16.51
C GLU B 196 8.91 -26.47 15.60
N ALA B 197 8.39 -25.74 14.60
CA ALA B 197 9.28 -24.90 13.74
C ALA B 197 10.18 -23.99 14.58
N SER B 198 9.64 -23.35 15.61
CA SER B 198 10.45 -22.39 16.42
C SER B 198 11.56 -23.07 17.30
N ARG B 199 11.29 -24.30 17.74
CA ARG B 199 12.25 -25.06 18.55
C ARG B 199 13.44 -25.48 17.67
N ASN B 200 13.13 -25.90 16.46
CA ASN B 200 14.16 -26.34 15.54
C ASN B 200 14.77 -25.22 14.75
N ALA B 201 14.30 -23.97 14.85
CA ALA B 201 14.89 -22.91 14.06
C ALA B 201 16.27 -22.62 14.58
N ASP B 202 17.26 -22.42 13.72
CA ASP B 202 18.43 -21.82 14.23
C ASP B 202 18.37 -20.32 14.12
N LEU B 203 17.36 -19.78 13.44
CA LEU B 203 17.19 -18.32 13.31
C LEU B 203 15.72 -17.94 13.25
N SER B 204 15.26 -17.12 14.18
CA SER B 204 13.92 -16.59 14.17
C SER B 204 13.99 -15.08 13.95
N ILE B 205 13.13 -14.56 13.08
CA ILE B 205 13.04 -13.12 12.70
C ILE B 205 11.59 -12.62 12.86
N THR B 206 11.37 -11.57 13.63
CA THR B 206 10.06 -11.12 13.92
C THR B 206 9.94 -9.86 13.05
N LEU B 207 8.76 -9.66 12.47
CA LEU B 207 8.52 -8.52 11.54
C LEU B 207 7.24 -7.78 11.94
N GLY B 208 7.35 -6.49 12.36
CA GLY B 208 6.15 -5.74 12.77
C GLY B 208 5.19 -6.39 13.76
N THR B 209 5.74 -6.97 14.82
CA THR B 209 5.01 -7.41 15.95
C THR B 209 5.73 -6.92 17.27
N SER B 210 4.95 -6.45 18.21
CA SER B 210 5.39 -6.01 19.53
C SER B 210 5.50 -7.16 20.51
N LEU B 211 5.06 -8.34 20.06
CA LEU B 211 5.32 -9.61 20.79
C LEU B 211 4.70 -9.63 22.23
N GLN B 212 3.64 -8.81 22.48
CA GLN B 212 3.01 -8.76 23.79
C GLN B 212 1.89 -9.76 24.07
N ILE B 213 1.62 -10.74 23.21
CA ILE B 213 0.45 -11.65 23.38
C ILE B 213 0.95 -13.08 23.47
N ARG B 214 0.72 -13.73 24.62
CA ARG B 214 1.18 -15.07 24.87
C ARG B 214 0.13 -16.01 24.40
N PRO B 215 0.47 -17.11 23.77
CA PRO B 215 1.84 -17.61 23.56
C PRO B 215 2.51 -17.15 22.29
N SER B 216 1.75 -16.55 21.40
CA SER B 216 2.31 -16.03 20.07
C SER B 216 3.67 -15.31 20.17
N GLY B 217 3.72 -14.35 21.07
CA GLY B 217 4.88 -13.47 21.22
C GLY B 217 6.09 -14.12 21.80
N ASN B 218 5.89 -15.28 22.44
CA ASN B 218 6.89 -16.07 23.05
C ASN B 218 7.46 -17.17 22.20
N LEU B 219 6.83 -17.55 21.10
CA LEU B 219 7.50 -18.52 20.17
C LEU B 219 8.94 -18.14 19.63
N PRO B 220 9.19 -16.87 19.29
CA PRO B 220 10.56 -16.42 19.03
C PRO B 220 11.65 -16.79 20.14
N LEU B 221 11.30 -16.76 21.40
CA LEU B 221 12.26 -17.09 22.46
C LEU B 221 12.71 -18.52 22.47
N ALA B 222 11.79 -19.45 22.21
CA ALA B 222 12.09 -20.90 22.07
C ALA B 222 13.34 -21.19 21.22
N THR B 223 13.53 -20.40 20.15
CA THR B 223 14.68 -20.49 19.25
C THR B 223 15.99 -20.19 20.04
N LYS B 224 15.93 -19.30 21.02
CA LYS B 224 17.12 -19.10 21.90
C LYS B 224 17.49 -20.37 22.69
N ARG B 225 16.49 -21.08 23.19
CA ARG B 225 16.68 -22.41 23.72
C ARG B 225 17.35 -23.28 22.62
N ARG B 226 18.46 -23.89 22.99
CA ARG B 226 19.36 -24.63 22.11
C ARG B 226 20.24 -23.72 21.34
N GLY B 227 20.27 -22.42 21.67
CA GLY B 227 21.31 -21.52 21.16
C GLY B 227 21.18 -20.84 19.83
N GLY B 228 20.03 -20.95 19.20
CA GLY B 228 19.78 -20.26 17.91
C GLY B 228 19.66 -18.78 18.12
N ARG B 229 19.87 -18.03 17.05
CA ARG B 229 19.79 -16.55 17.08
C ARG B 229 18.36 -16.02 16.91
N LEU B 230 18.14 -14.77 17.28
CA LEU B 230 16.83 -14.15 17.21
C LEU B 230 17.06 -12.67 16.71
N VAL B 231 16.17 -12.18 15.82
CA VAL B 231 16.26 -10.83 15.21
C VAL B 231 14.88 -10.25 15.27
N ILE B 232 14.78 -9.05 15.88
CA ILE B 232 13.52 -8.31 15.90
C ILE B 232 13.57 -7.12 14.94
N VAL B 233 12.60 -6.99 14.05
CA VAL B 233 12.45 -5.79 13.14
C VAL B 233 11.16 -5.06 13.45
N ASN B 234 11.31 -3.86 13.94
CA ASN B 234 10.10 -3.21 14.43
C ASN B 234 10.45 -1.79 14.68
N LEU B 235 9.45 -0.93 14.59
CA LEU B 235 9.62 0.52 14.81
C LEU B 235 9.57 0.98 16.32
N GLN B 236 8.80 0.26 17.14
CA GLN B 236 8.62 0.46 18.58
C GLN B 236 9.40 -0.58 19.36
N PRO B 237 9.58 -0.36 20.71
CA PRO B 237 10.15 -1.43 21.55
C PRO B 237 9.20 -2.54 21.52
N THR B 238 9.71 -3.77 21.72
CA THR B 238 8.92 -4.99 21.93
C THR B 238 9.23 -5.65 23.22
N LYS B 239 8.34 -6.53 23.73
CA LYS B 239 8.55 -7.13 25.10
C LYS B 239 9.96 -7.77 25.23
N HIS B 240 10.38 -8.47 24.19
CA HIS B 240 11.58 -9.27 24.24
C HIS B 240 12.83 -8.69 23.69
N ASP B 241 12.95 -7.38 23.61
CA ASP B 241 14.15 -6.76 23.05
C ASP B 241 15.44 -7.22 23.68
N ARG B 242 15.46 -7.45 25.00
CA ARG B 242 16.68 -7.89 25.71
C ARG B 242 17.25 -9.16 25.05
N HIS B 243 16.41 -10.15 24.73
CA HIS B 243 16.91 -11.46 24.20
C HIS B 243 17.38 -11.49 22.75
N ALA B 244 17.29 -10.36 22.01
CA ALA B 244 17.71 -10.28 20.60
C ALA B 244 19.17 -10.05 20.27
N ASP B 245 19.67 -10.87 19.36
CA ASP B 245 21.03 -10.73 18.91
C ASP B 245 21.15 -9.50 18.01
N LEU B 246 20.01 -9.04 17.45
CA LEU B 246 19.89 -7.95 16.46
C LEU B 246 18.51 -7.26 16.54
N ARG B 247 18.52 -5.93 16.64
CA ARG B 247 17.27 -5.19 16.66
C ARG B 247 17.41 -4.19 15.54
N ILE B 248 16.39 -4.09 14.69
CA ILE B 248 16.49 -3.21 13.50
C ILE B 248 15.25 -2.38 13.56
N HIS B 249 15.43 -1.07 13.69
CA HIS B 249 14.34 -0.13 13.82
C HIS B 249 14.20 0.64 12.53
N GLY B 250 13.31 0.12 11.70
CA GLY B 250 13.00 0.74 10.39
C GLY B 250 11.71 0.20 9.85
N TYR B 251 11.26 0.81 8.78
CA TYR B 251 10.09 0.28 8.10
C TYR B 251 10.43 -1.06 7.52
N VAL B 252 9.61 -2.04 7.79
CA VAL B 252 9.87 -3.41 7.31
C VAL B 252 10.04 -3.55 5.82
N ASP B 253 9.28 -2.81 5.02
CA ASP B 253 9.43 -2.88 3.56
C ASP B 253 10.77 -2.47 3.15
N GLU B 254 11.29 -1.40 3.72
CA GLU B 254 12.67 -0.99 3.44
C GLU B 254 13.66 -2.03 3.92
N VAL B 255 13.50 -2.56 5.14
CA VAL B 255 14.42 -3.62 5.67
C VAL B 255 14.41 -4.78 4.74
N MET B 256 13.26 -5.25 4.36
CA MET B 256 13.16 -6.42 3.40
C MET B 256 13.62 -6.22 1.98
N THR B 257 13.39 -5.04 1.39
CA THR B 257 13.92 -4.72 0.05
C THR B 257 15.44 -4.73 0.00
N ARG B 258 16.07 -4.07 1.01
CA ARG B 258 17.53 -4.12 1.17
C ARG B 258 18.05 -5.56 1.31
N LEU B 259 17.42 -6.34 2.16
CA LEU B 259 17.82 -7.68 2.39
C LEU B 259 17.82 -8.52 1.09
N MET B 260 16.75 -8.47 0.33
CA MET B 260 16.56 -9.23 -0.85
C MET B 260 17.56 -8.90 -1.94
N LYS B 261 17.90 -7.62 -2.05
CA LYS B 261 18.96 -7.20 -2.93
C LYS B 261 20.30 -7.76 -2.42
N HIS B 262 20.56 -7.63 -1.14
CA HIS B 262 21.74 -8.34 -0.60
C HIS B 262 21.71 -9.81 -1.00
N LEU B 263 20.55 -10.43 -0.98
CA LEU B 263 20.56 -11.86 -1.30
C LEU B 263 20.49 -12.16 -2.80
N GLY B 264 20.35 -11.15 -3.69
CA GLY B 264 20.27 -11.39 -5.16
C GLY B 264 18.93 -11.98 -5.61
N LEU B 265 17.86 -11.71 -4.90
CA LEU B 265 16.52 -12.20 -5.21
C LEU B 265 15.64 -11.00 -5.49
N GLU B 266 14.72 -11.20 -6.43
CA GLU B 266 13.79 -10.18 -6.90
C GLU B 266 12.52 -10.48 -6.07
N ILE B 267 11.71 -9.47 -5.92
CA ILE B 267 10.44 -9.57 -5.22
C ILE B 267 9.53 -9.83 -6.40
N PRO B 268 8.80 -10.95 -6.33
CA PRO B 268 7.91 -11.30 -7.49
C PRO B 268 6.64 -10.53 -7.46
N ALA B 269 6.03 -10.50 -8.64
CA ALA B 269 4.78 -9.90 -8.91
C ALA B 269 3.67 -10.71 -8.24
N TRP B 270 2.65 -10.00 -7.81
CA TRP B 270 1.46 -10.53 -7.28
C TRP B 270 0.49 -10.71 -8.45
N ASP B 271 0.09 -11.96 -8.71
CA ASP B 271 -0.97 -12.24 -9.70
C ASP B 271 -2.45 -11.87 -9.36
N GLY B 272 -2.77 -11.25 -8.19
CA GLY B 272 -4.14 -11.27 -7.65
C GLY B 272 -4.31 -12.32 -6.56
N PRO B 273 -5.48 -12.35 -5.85
CA PRO B 273 -5.73 -13.38 -4.82
C PRO B 273 -5.72 -14.78 -5.31
N ARG B 274 -4.92 -15.58 -4.64
CA ARG B 274 -4.75 -16.99 -4.97
C ARG B 274 -4.59 -17.76 -3.72
N VAL B 275 -4.84 -19.03 -3.82
CA VAL B 275 -4.66 -19.92 -2.69
C VAL B 275 -3.82 -21.10 -3.13
N LEU B 276 -2.71 -21.35 -2.45
CA LEU B 276 -1.88 -22.48 -2.71
C LEU B 276 -1.85 -23.33 -1.43
N GLU B 277 -2.40 -24.55 -1.49
CA GLU B 277 -2.36 -25.43 -0.27
C GLU B 277 -0.99 -25.92 0.02
N ARG B 278 -0.27 -26.33 -1.04
CA ARG B 278 1.00 -27.04 -0.88
C ARG B 278 2.18 -26.39 -1.53
N ALA B 279 3.24 -26.25 -0.75
CA ALA B 279 4.50 -25.76 -1.23
C ALA B 279 4.99 -26.47 -2.49
N LEU B 280 5.50 -25.71 -3.46
CA LEU B 280 5.88 -26.28 -4.79
C LEU B 280 7.35 -26.64 -4.65
N PRO B 281 7.87 -27.54 -5.53
CA PRO B 281 9.31 -27.91 -5.41
C PRO B 281 10.25 -26.67 -5.31
N PRO B 282 11.35 -26.73 -4.51
CA PRO B 282 12.24 -25.54 -4.49
C PRO B 282 12.99 -25.09 -5.81
N LEU B 283 13.25 -23.77 -5.90
CA LEU B 283 13.70 -23.12 -7.12
C LEU B 283 15.13 -22.76 -6.99
N PRO B 284 15.85 -22.64 -8.12
CA PRO B 284 17.24 -22.28 -8.00
C PRO B 284 17.45 -20.98 -7.24
N ARG B 285 18.58 -20.88 -6.54
CA ARG B 285 18.84 -19.65 -5.87
C ARG B 285 20.28 -19.27 -6.03
N PRO B 286 20.62 -18.02 -5.73
CA PRO B 286 21.99 -17.60 -5.98
C PRO B 286 23.01 -18.26 -5.10
N PRO B 287 24.24 -18.44 -5.61
CA PRO B 287 25.31 -18.97 -4.75
C PRO B 287 25.63 -18.04 -3.55
N THR B 288 26.22 -18.56 -2.48
CA THR B 288 26.26 -17.88 -1.17
C THR B 288 27.61 -17.25 -0.99
N PRO B 289 27.68 -16.00 -0.44
CA PRO B 289 29.04 -15.43 -0.18
C PRO B 289 30.00 -16.22 0.70
N LYS B 290 31.28 -15.90 0.63
CA LYS B 290 32.27 -16.67 1.46
C LYS B 290 32.19 -16.30 2.94
N1 AR6 C . -10.25 6.35 -1.64
C2 AR6 C . -11.00 7.39 -1.93
N3 AR6 C . -10.79 8.57 -1.42
C4 AR6 C . -9.80 8.75 -0.55
C5 AR6 C . -8.94 7.66 -0.12
C6 AR6 C . -9.21 6.41 -0.73
N6 AR6 C . -8.41 5.35 -0.38
N7 AR6 C . -8.06 8.12 0.77
C8 AR6 C . -8.29 9.43 0.89
N9 AR6 C . -9.39 9.78 0.13
PA AR6 C . -6.93 16.23 0.32
PB AR6 C . -5.60 16.98 -2.20
C1' AR6 C . -9.94 11.12 -0.04
O1A AR6 C . -7.54 17.68 0.44
O1B AR6 C . -4.57 16.26 -3.01
C1D AR6 C . -2.45 20.62 -0.16
O1D AR6 C . -2.08 21.89 0.49
C2' AR6 C . -10.25 11.95 1.22
O2' AR6 C . -11.61 11.65 1.62
O2A AR6 C . -6.35 15.66 1.60
O2B AR6 C . -7.04 17.31 -2.72
C2D AR6 C . -1.37 20.07 -1.08
O2D AR6 C . -0.94 21.29 -1.75
C3' AR6 C . -9.90 13.37 0.82
O3' AR6 C . -11.14 13.98 0.79
O3A AR6 C . -5.74 16.37 -0.75
C3D AR6 C . -2.12 19.22 -2.11
O3D AR6 C . -1.27 19.04 -3.35
C4' AR6 C . -9.11 13.25 -0.46
O4' AR6 C . -8.87 11.83 -0.58
C4D AR6 C . -3.36 20.12 -2.27
O4D AR6 C . -3.60 20.79 -1.03
C5' AR6 C . -7.75 13.90 -0.58
O5' AR6 C . -7.91 15.34 -0.47
C5D AR6 C . -4.63 19.41 -2.61
O5D AR6 C . -4.82 18.29 -1.74
ZN ZN D . 21.58 23.74 -16.70
S SO4 E . 3.20 -6.34 -8.48
O1 SO4 E . 3.69 -6.95 -7.21
O2 SO4 E . 1.76 -6.35 -8.20
O3 SO4 E . 3.61 -7.03 -9.76
O4 SO4 E . 3.53 -4.95 -8.61
S SO4 F . -27.87 -5.08 -32.43
O1 SO4 F . -28.90 -5.31 -33.45
O2 SO4 F . -27.76 -6.12 -31.37
O3 SO4 F . -28.15 -3.81 -31.75
O4 SO4 F . -26.61 -4.87 -33.22
S SO4 G . -24.65 10.68 -4.40
O1 SO4 G . -25.74 11.33 -3.74
O2 SO4 G . -24.13 9.49 -3.66
O3 SO4 G . -25.11 10.11 -5.69
O4 SO4 G . -23.60 11.73 -4.39
S SO4 H . -8.73 29.74 -11.11
O1 SO4 H . -9.41 28.52 -11.67
O2 SO4 H . -8.38 29.49 -9.71
O3 SO4 H . -9.69 30.86 -11.24
O4 SO4 H . -7.43 30.05 -11.74
S SO4 I . -12.88 26.84 -24.78
O1 SO4 I . -13.09 26.62 -23.33
O2 SO4 I . -13.28 25.68 -25.57
O3 SO4 I . -13.73 27.99 -25.20
O4 SO4 I . -11.44 27.08 -25.12
C1 EDO J . -0.81 25.40 -3.53
O1 EDO J . -0.95 25.76 -4.94
C2 EDO J . 0.48 24.64 -3.31
O2 EDO J . 1.43 25.31 -2.46
N01 7N2 K . 5.15 18.27 1.39
C02 7N2 K . 3.81 18.33 1.73
C03 7N2 K . 3.17 19.22 0.90
C04 7N2 K . 4.13 19.74 0.00
C05 7N2 K . 5.38 19.15 0.34
C06 7N2 K . 6.05 17.44 2.11
C07 7N2 K . 7.26 17.00 1.58
C08 7N2 K . 8.07 16.18 2.35
C09 7N2 K . 7.71 15.80 3.63
C10 7N2 K . 6.50 16.20 4.17
C11 7N2 K . 5.68 17.06 3.44
N12 7N2 K . 4.39 17.49 3.90
C13 7N2 K . 2.97 16.07 2.39
C14 7N2 K . 2.72 14.38 0.71
C15 7N2 K . 3.16 15.64 1.09
C16 7N2 K . 2.39 15.15 3.27
N17 7N2 K . 2.00 13.91 2.92
C18 7N2 K . 2.13 13.57 1.66
C19 7N2 K . 3.37 17.49 2.83
S20 7N2 K . 4.17 18.52 5.27
O21 7N2 K . 2.86 18.22 5.76
O22 7N2 K . 5.30 18.28 6.11
C23 7N2 K . 4.21 20.25 4.86
C24 7N2 K . 4.76 20.67 3.65
C25 7N2 K . 4.82 22.02 3.36
C26 7N2 K . 4.36 22.96 4.27
C27 7N2 K . 3.82 22.56 5.49
C28 7N2 K . 3.78 21.19 5.81
C29 7N2 K . 3.31 23.60 6.46
F30 7N2 K . 2.05 23.40 6.88
F31 7N2 K . 3.33 24.91 5.94
F32 7N2 K . 4.08 23.64 7.57
N1 AR6 L . 7.48 -1.31 9.94
C2 AR6 L . 7.90 -1.80 11.12
N3 AR6 L . 7.15 -1.83 12.18
C4 AR6 L . 5.87 -1.47 12.05
C5 AR6 L . 5.36 -0.92 10.83
C6 AR6 L . 6.25 -0.92 9.70
N6 AR6 L . 5.89 -0.47 8.48
N7 AR6 L . 4.09 -0.61 11.07
C8 AR6 L . 3.84 -0.83 12.35
N9 AR6 L . 4.88 -1.43 12.91
PA AR6 L . 0.81 -4.62 17.47
PB AR6 L . 0.69 -7.45 16.85
C1' AR6 L . 5.07 -1.89 14.34
O1A AR6 L . 1.08 -4.82 18.96
O1B AR6 L . 0.40 -8.12 15.56
C1D AR6 L . -3.99 -8.12 19.05
O1D AR6 L . -4.92 -8.49 20.06
C2' AR6 L . 4.62 -1.05 15.49
O2' AR6 L . 5.63 -0.16 16.01
O2A AR6 L . -0.06 -3.44 17.04
O2B AR6 L . 2.06 -7.57 17.48
C2D AR6 L . -4.28 -8.88 17.81
O2D AR6 L . -4.78 -10.09 18.25
C3' AR6 L . 4.14 -2.11 16.53
O3' AR6 L . 5.00 -2.15 17.67
O3A AR6 L . 0.27 -5.88 16.64
C3D AR6 L . -2.96 -9.32 17.19
O3D AR6 L . -3.09 -10.54 16.49
C4' AR6 L . 4.08 -3.45 15.81
O4' AR6 L . 4.29 -3.08 14.48
C4D AR6 L . -2.10 -9.43 18.44
O4D AR6 L . -2.62 -8.42 19.36
C5' AR6 L . 2.64 -4.01 15.70
O5' AR6 L . 2.27 -4.52 17.03
C5D AR6 L . -0.66 -9.22 18.21
O5D AR6 L . -0.43 -7.88 17.87
ZN ZN M . -18.01 -30.82 7.16
S SO4 N . -3.30 6.36 9.89
O1 SO4 N . -4.32 5.42 9.93
O2 SO4 N . -1.95 5.88 10.21
O3 SO4 N . -3.46 7.09 8.63
O4 SO4 N . -3.69 7.28 10.97
S SO4 O . 19.87 -0.94 19.60
O1 SO4 O . 19.09 -0.63 20.81
O2 SO4 O . 19.51 -2.29 19.10
O3 SO4 O . 21.34 -0.93 19.80
O4 SO4 O . 19.46 0.10 18.61
S SO4 P . 39.65 -18.07 -0.13
O1 SO4 P . 38.68 -19.16 -0.57
O2 SO4 P . 40.72 -18.74 0.64
O3 SO4 P . 39.05 -17.05 0.72
O4 SO4 P . 40.19 -17.33 -1.31
S SO4 Q . 3.42 -19.45 26.88
O1 SO4 Q . 4.04 -19.63 28.20
O2 SO4 Q . 3.27 -20.76 26.18
O3 SO4 Q . 4.33 -18.50 26.19
O4 SO4 Q . 2.06 -18.86 27.03
C1 EDO R . 8.66 10.09 5.44
O1 EDO R . 7.88 11.19 5.90
C2 EDO R . 9.56 9.81 6.60
O2 EDO R . 9.13 8.61 7.26
#